data_7KV0
#
_entry.id   7KV0
#
_cell.length_a   62.426
_cell.length_b   62.995
_cell.length_c   183.200
_cell.angle_alpha   90.000
_cell.angle_beta   90.000
_cell.angle_gamma   90.000
#
_symmetry.space_group_name_H-M   'C 2 2 21'
#
loop_
_entity.id
_entity.type
_entity.pdbx_description
1 polymer Endo-1,4-beta-xylanase
2 non-polymer 1,2-ETHANEDIOL
3 water water
#
_entity_poly.entity_id   1
_entity_poly.type   'polypeptide(L)'
_entity_poly.pdbx_seq_one_letter_code
;HHHATDYWQNWTDGGGTVNAVNGSGGNYSVTWQNTGNFVVGKGWNVGSPNRTINYNAGVFAPSGNGYLTLYGWTRNALIE
YYVVDSWGTYRPTGTFKGTVTSDGGTYDIYTTMRYNAPSIDGTQTFAQYWSVRQSKRATGVNSAITFSNHVNAWASKGMN
LGSSWSYQVLATEGYQSSGSSNVTVW
;
_entity_poly.pdbx_strand_id   A,B
#
loop_
_chem_comp.id
_chem_comp.type
_chem_comp.name
_chem_comp.formula
EDO non-polymer 1,2-ETHANEDIOL 'C2 H6 O2'
#
# COMPACT_ATOMS: atom_id res chain seq x y z
N HIS A 1 -3.60 10.09 -6.53
CA HIS A 1 -2.34 10.08 -5.78
C HIS A 1 -1.95 8.66 -5.39
N HIS A 2 -2.15 7.72 -6.31
CA HIS A 2 -1.73 6.34 -6.10
C HIS A 2 -1.09 5.84 -7.38
N HIS A 3 0.17 5.42 -7.29
CA HIS A 3 0.90 4.92 -8.45
C HIS A 3 0.88 3.40 -8.41
N ALA A 4 -0.11 2.83 -9.09
CA ALA A 4 -0.35 1.39 -9.09
C ALA A 4 0.74 0.69 -9.90
N THR A 5 0.54 -0.60 -10.15
CA THR A 5 1.56 -1.40 -10.82
C THR A 5 1.77 -0.95 -12.26
N ASP A 6 3.01 -1.07 -12.73
CA ASP A 6 3.36 -0.74 -14.10
C ASP A 6 4.25 -1.77 -14.78
N TYR A 7 4.61 -2.86 -14.10
CA TYR A 7 5.55 -3.84 -14.62
C TYR A 7 4.95 -5.24 -14.57
N TRP A 8 4.91 -5.88 -15.73
CA TRP A 8 4.48 -7.27 -15.84
C TRP A 8 5.72 -8.17 -15.79
N GLN A 9 5.78 -9.05 -14.79
CA GLN A 9 6.91 -9.94 -14.57
C GLN A 9 6.53 -11.36 -15.00
N ASN A 10 7.31 -11.95 -15.89
CA ASN A 10 7.03 -13.30 -16.36
C ASN A 10 8.35 -13.92 -16.81
N TRP A 11 8.90 -14.81 -15.98
CA TRP A 11 10.13 -15.54 -16.29
C TRP A 11 9.91 -17.02 -16.03
N THR A 12 10.42 -17.84 -16.95
CA THR A 12 10.47 -19.28 -16.76
C THR A 12 11.80 -19.79 -17.30
N ASP A 13 12.18 -20.98 -16.85
CA ASP A 13 13.37 -21.65 -17.37
C ASP A 13 13.04 -22.68 -18.44
N GLY A 14 11.78 -22.80 -18.81
CA GLY A 14 11.35 -23.72 -19.86
C GLY A 14 10.75 -25.01 -19.35
N GLY A 15 10.95 -25.34 -18.08
CA GLY A 15 10.43 -26.60 -17.55
C GLY A 15 8.92 -26.56 -17.42
N GLY A 16 8.28 -27.63 -17.86
CA GLY A 16 6.83 -27.73 -17.83
C GLY A 16 6.17 -26.66 -18.71
N THR A 17 4.92 -26.40 -18.39
CA THR A 17 4.14 -25.35 -19.03
C THR A 17 3.72 -24.32 -18.00
N VAL A 18 3.89 -23.05 -18.33
CA VAL A 18 3.53 -21.94 -17.45
C VAL A 18 2.59 -21.03 -18.25
N ASN A 19 1.29 -21.13 -17.99
CA ASN A 19 0.28 -20.31 -18.67
C ASN A 19 0.03 -19.08 -17.81
N ALA A 20 0.83 -18.03 -18.04
CA ALA A 20 0.72 -16.79 -17.29
C ALA A 20 -0.13 -15.80 -18.08
N VAL A 21 -0.98 -15.06 -17.36
CA VAL A 21 -1.97 -14.18 -17.98
C VAL A 21 -1.81 -12.78 -17.40
N ASN A 22 -1.44 -11.83 -18.25
CA ASN A 22 -1.45 -10.41 -17.91
C ASN A 22 -2.90 -9.93 -18.02
N GLY A 23 -3.56 -9.79 -16.87
CA GLY A 23 -4.96 -9.45 -16.83
C GLY A 23 -5.20 -7.95 -16.71
N SER A 24 -6.47 -7.60 -16.54
CA SER A 24 -6.88 -6.21 -16.46
C SER A 24 -6.35 -5.57 -15.18
N GLY A 25 -5.84 -4.35 -15.31
CA GLY A 25 -5.36 -3.63 -14.15
C GLY A 25 -4.17 -4.31 -13.52
N GLY A 26 -4.18 -4.42 -12.20
CA GLY A 26 -3.09 -5.06 -11.50
C GLY A 26 -3.36 -6.51 -11.18
N ASN A 27 -4.27 -7.13 -11.93
CA ASN A 27 -4.67 -8.51 -11.72
C ASN A 27 -3.94 -9.42 -12.70
N TYR A 28 -3.39 -10.52 -12.20
CA TYR A 28 -2.80 -11.54 -13.04
C TYR A 28 -3.24 -12.91 -12.56
N SER A 29 -3.10 -13.90 -13.44
CA SER A 29 -3.37 -15.29 -13.11
C SER A 29 -2.28 -16.15 -13.75
N VAL A 30 -2.05 -17.32 -13.17
CA VAL A 30 -1.09 -18.27 -13.71
C VAL A 30 -1.47 -19.68 -13.29
N THR A 31 -1.56 -20.59 -14.27
CA THR A 31 -1.68 -22.02 -14.03
C THR A 31 -0.43 -22.68 -14.60
N TRP A 32 0.20 -23.55 -13.81
CA TRP A 32 1.43 -24.21 -14.23
C TRP A 32 1.31 -25.70 -13.96
N GLN A 33 1.98 -26.49 -14.80
CA GLN A 33 1.96 -27.94 -14.69
C GLN A 33 3.37 -28.50 -14.79
N ASN A 34 3.79 -29.19 -13.73
CA ASN A 34 5.01 -30.01 -13.74
C ASN A 34 6.22 -29.22 -14.23
N THR A 35 6.43 -28.06 -13.62
CA THR A 35 7.34 -27.07 -14.17
C THR A 35 8.74 -27.19 -13.59
N GLY A 36 9.66 -26.43 -14.18
CA GLY A 36 10.92 -26.14 -13.55
C GLY A 36 10.76 -24.94 -12.63
N ASN A 37 11.62 -23.95 -12.77
CA ASN A 37 11.54 -22.74 -11.96
C ASN A 37 10.94 -21.60 -12.77
N PHE A 38 10.05 -20.83 -12.14
CA PHE A 38 9.43 -19.70 -12.81
C PHE A 38 9.06 -18.64 -11.78
N VAL A 39 8.97 -17.39 -12.24
CA VAL A 39 8.59 -16.26 -11.41
C VAL A 39 7.65 -15.37 -12.21
N VAL A 40 6.40 -15.25 -11.74
CA VAL A 40 5.37 -14.48 -12.42
C VAL A 40 4.72 -13.56 -11.41
N GLY A 41 4.50 -12.30 -11.79
CA GLY A 41 3.81 -11.38 -10.90
C GLY A 41 3.61 -10.03 -11.56
N LYS A 42 3.05 -9.12 -10.77
CA LYS A 42 2.87 -7.73 -11.17
C LYS A 42 3.40 -6.84 -10.06
N GLY A 43 4.06 -5.75 -10.46
CA GLY A 43 4.63 -4.82 -9.49
C GLY A 43 5.05 -3.51 -10.13
N TRP A 44 6.17 -2.97 -9.69
CA TRP A 44 6.65 -1.67 -10.15
C TRP A 44 8.04 -1.83 -10.73
N ASN A 45 8.30 -1.10 -11.82
CA ASN A 45 9.60 -1.23 -12.49
C ASN A 45 10.74 -0.77 -11.59
N VAL A 46 10.51 0.22 -10.75
CA VAL A 46 11.49 0.69 -9.78
C VAL A 46 10.91 0.47 -8.40
N GLY A 47 11.47 -0.49 -7.66
CA GLY A 47 11.03 -0.73 -6.31
C GLY A 47 11.30 0.45 -5.40
N SER A 48 10.61 0.45 -4.26
CA SER A 48 10.77 1.50 -3.27
C SER A 48 10.86 0.87 -1.89
N PRO A 49 11.79 1.34 -1.06
CA PRO A 49 11.82 0.88 0.33
C PRO A 49 10.68 1.42 1.18
N ASN A 50 9.99 2.45 0.70
CA ASN A 50 8.89 3.07 1.43
C ASN A 50 7.53 2.75 0.84
N ARG A 51 7.44 1.76 -0.04
CA ARG A 51 6.18 1.39 -0.68
C ARG A 51 5.45 0.36 0.16
N THR A 52 4.14 0.57 0.32
CA THR A 52 3.24 -0.42 0.91
C THR A 52 2.58 -1.18 -0.23
N ILE A 53 2.91 -2.45 -0.38
CA ILE A 53 2.37 -3.28 -1.47
C ILE A 53 1.06 -3.90 -1.00
N ASN A 54 0.00 -3.66 -1.75
CA ASN A 54 -1.30 -4.26 -1.49
C ASN A 54 -1.55 -5.38 -2.50
N TYR A 55 -2.26 -6.41 -2.05
CA TYR A 55 -2.62 -7.50 -2.95
C TYR A 55 -3.79 -8.29 -2.39
N ASN A 56 -4.47 -9.00 -3.28
CA ASN A 56 -5.56 -9.91 -2.93
C ASN A 56 -5.42 -11.14 -3.81
N ALA A 57 -5.02 -12.26 -3.21
CA ALA A 57 -4.84 -13.52 -3.94
C ALA A 57 -6.14 -14.30 -3.83
N GLY A 58 -7.00 -14.15 -4.83
CA GLY A 58 -8.25 -14.90 -4.85
C GLY A 58 -8.03 -16.39 -4.96
N VAL A 59 -6.98 -16.80 -5.65
CA VAL A 59 -6.56 -18.20 -5.72
C VAL A 59 -5.05 -18.23 -5.50
N PHE A 60 -4.62 -19.10 -4.59
CA PHE A 60 -3.21 -19.48 -4.46
C PHE A 60 -3.22 -20.96 -4.09
N ALA A 61 -3.24 -21.81 -5.11
CA ALA A 61 -3.37 -23.25 -4.94
C ALA A 61 -2.15 -23.96 -5.52
N PRO A 62 -1.01 -23.94 -4.81
CA PRO A 62 0.16 -24.68 -5.28
C PRO A 62 0.04 -26.15 -4.87
N SER A 63 0.26 -27.04 -5.85
CA SER A 63 0.35 -28.48 -5.59
C SER A 63 1.84 -28.83 -5.65
N GLY A 64 2.52 -28.61 -4.51
CA GLY A 64 3.96 -28.74 -4.43
C GLY A 64 4.60 -27.43 -4.00
N ASN A 65 5.84 -27.23 -4.44
CA ASN A 65 6.61 -26.07 -4.03
C ASN A 65 6.16 -24.86 -4.83
N GLY A 66 5.49 -23.93 -4.18
CA GLY A 66 5.15 -22.65 -4.77
C GLY A 66 5.17 -21.57 -3.72
N TYR A 67 5.49 -20.36 -4.15
CA TYR A 67 5.58 -19.21 -3.26
C TYR A 67 4.59 -18.13 -3.66
N LEU A 68 4.00 -17.49 -2.65
CA LEU A 68 3.26 -16.24 -2.80
C LEU A 68 4.04 -15.20 -2.00
N THR A 69 4.77 -14.34 -2.70
CA THR A 69 5.80 -13.55 -2.04
C THR A 69 6.02 -12.22 -2.74
N LEU A 70 6.46 -11.23 -1.97
CA LEU A 70 7.05 -10.03 -2.54
C LEU A 70 8.46 -10.37 -3.03
N TYR A 71 8.81 -9.82 -4.20
CA TYR A 71 10.05 -10.19 -4.87
C TYR A 71 10.61 -8.97 -5.59
N GLY A 72 11.91 -8.72 -5.43
CA GLY A 72 12.49 -7.54 -6.03
C GLY A 72 14.01 -7.59 -6.02
N TRP A 73 14.59 -6.66 -6.77
CA TRP A 73 16.03 -6.55 -6.94
C TRP A 73 16.53 -5.18 -6.56
N THR A 74 17.78 -5.11 -6.12
CA THR A 74 18.53 -3.87 -6.03
C THR A 74 19.90 -4.07 -6.65
N ARG A 75 20.50 -2.97 -7.10
CA ARG A 75 21.87 -2.99 -7.59
C ARG A 75 22.73 -2.13 -6.68
N ASN A 76 24.03 -2.44 -6.66
CA ASN A 76 25.02 -1.73 -5.85
C ASN A 76 24.57 -1.61 -4.40
N ALA A 77 24.58 -2.76 -3.69
CA ALA A 77 25.06 -4.03 -4.21
C ALA A 77 23.92 -4.86 -4.83
N LEU A 78 24.29 -5.94 -5.51
CA LEU A 78 23.33 -6.78 -6.21
C LEU A 78 22.67 -7.73 -5.20
N ILE A 79 21.36 -7.55 -4.98
CA ILE A 79 20.63 -8.30 -3.96
C ILE A 79 19.25 -8.66 -4.50
N GLU A 80 18.81 -9.88 -4.18
CA GLU A 80 17.50 -10.40 -4.56
C GLU A 80 16.73 -10.69 -3.27
N TYR A 81 15.62 -9.99 -3.06
CA TYR A 81 14.93 -10.05 -1.77
C TYR A 81 13.53 -10.65 -1.89
N TYR A 82 13.08 -11.25 -0.78
CA TYR A 82 11.77 -11.87 -0.68
C TYR A 82 11.05 -11.39 0.58
N VAL A 83 9.72 -11.38 0.50
CA VAL A 83 8.83 -11.31 1.67
C VAL A 83 7.77 -12.37 1.41
N VAL A 84 7.99 -13.58 1.93
CA VAL A 84 7.16 -14.74 1.61
C VAL A 84 5.95 -14.75 2.55
N ASP A 85 4.76 -14.55 1.97
CA ASP A 85 3.53 -14.56 2.76
C ASP A 85 2.91 -15.95 2.86
N SER A 86 3.05 -16.78 1.83
CA SER A 86 2.51 -18.13 1.88
C SER A 86 3.30 -19.02 0.93
N TRP A 87 3.12 -20.32 1.07
CA TRP A 87 3.88 -21.29 0.28
C TRP A 87 3.08 -22.59 0.16
N GLY A 88 3.70 -23.57 -0.50
CA GLY A 88 3.06 -24.84 -0.73
C GLY A 88 3.55 -25.94 0.21
N THR A 89 4.33 -26.88 -0.34
CA THR A 89 4.86 -28.00 0.44
C THR A 89 6.28 -27.77 0.92
N TYR A 90 6.82 -26.56 0.74
CA TYR A 90 8.18 -26.25 1.16
C TYR A 90 8.26 -24.82 1.65
N ARG A 91 8.77 -24.64 2.87
CA ARG A 91 8.96 -23.32 3.44
C ARG A 91 10.40 -22.89 3.26
N PRO A 92 10.67 -21.82 2.51
CA PRO A 92 12.06 -21.41 2.30
C PRO A 92 12.67 -20.86 3.57
N THR A 93 13.91 -21.29 3.85
CA THR A 93 14.65 -20.84 5.02
C THR A 93 16.09 -20.54 4.62
N GLY A 94 16.88 -20.09 5.58
CA GLY A 94 18.28 -19.80 5.36
C GLY A 94 19.02 -19.59 6.66
N THR A 95 19.99 -18.69 6.67
CA THR A 95 20.71 -18.34 7.90
C THR A 95 19.80 -17.46 8.74
N PHE A 96 19.37 -17.96 9.90
CA PHE A 96 18.47 -17.20 10.75
C PHE A 96 19.15 -15.93 11.24
N LYS A 97 18.46 -14.80 11.09
CA LYS A 97 18.95 -13.50 11.52
C LYS A 97 18.12 -12.85 12.60
N GLY A 98 16.90 -13.33 12.84
CA GLY A 98 15.98 -12.73 13.76
C GLY A 98 14.57 -12.79 13.19
N THR A 99 13.67 -12.04 13.83
CA THR A 99 12.28 -11.98 13.38
C THR A 99 11.86 -10.53 13.22
N VAL A 100 10.75 -10.34 12.51
CA VAL A 100 10.11 -9.04 12.35
C VAL A 100 8.61 -9.26 12.27
N THR A 101 7.85 -8.43 12.97
CA THR A 101 6.39 -8.50 12.95
C THR A 101 5.86 -7.32 12.14
N SER A 102 4.99 -7.60 11.19
CA SER A 102 4.45 -6.58 10.30
C SER A 102 3.16 -7.09 9.67
N ASP A 103 2.17 -6.20 9.60
CA ASP A 103 0.91 -6.47 8.89
C ASP A 103 0.21 -7.69 9.47
N GLY A 104 0.24 -7.82 10.80
CA GLY A 104 -0.46 -8.88 11.49
C GLY A 104 0.30 -10.19 11.62
N GLY A 105 1.47 -10.33 10.98
CA GLY A 105 2.21 -11.55 11.02
C GLY A 105 3.65 -11.33 11.47
N THR A 106 4.24 -12.39 11.99
CA THR A 106 5.63 -12.40 12.41
C THR A 106 6.46 -13.17 11.38
N TYR A 107 7.44 -12.49 10.80
CA TYR A 107 8.25 -13.07 9.74
C TYR A 107 9.64 -13.42 10.27
N ASP A 108 10.16 -14.57 9.85
CA ASP A 108 11.54 -14.91 10.13
C ASP A 108 12.46 -14.28 9.09
N ILE A 109 13.63 -13.84 9.52
CA ILE A 109 14.59 -13.16 8.66
C ILE A 109 15.72 -14.14 8.33
N TYR A 110 15.95 -14.35 7.04
CA TYR A 110 17.00 -15.26 6.58
C TYR A 110 17.85 -14.59 5.52
N THR A 111 19.13 -14.96 5.47
CA THR A 111 20.02 -14.62 4.39
C THR A 111 20.51 -15.91 3.73
N THR A 112 20.63 -15.89 2.41
CA THR A 112 21.23 -16.99 1.67
C THR A 112 22.17 -16.42 0.62
N MET A 113 22.86 -17.31 -0.08
CA MET A 113 23.77 -16.94 -1.16
C MET A 113 23.42 -17.72 -2.41
N ARG A 114 23.50 -17.05 -3.56
CA ARG A 114 23.34 -17.68 -4.86
C ARG A 114 24.69 -17.75 -5.55
N TYR A 115 24.98 -18.89 -6.16
CA TYR A 115 26.30 -19.15 -6.72
C TYR A 115 26.18 -19.38 -8.23
N ASN A 116 26.83 -18.52 -9.00
CA ASN A 116 26.81 -18.57 -10.46
C ASN A 116 25.37 -18.67 -10.97
N ALA A 117 24.51 -17.79 -10.43
CA ALA A 117 23.07 -17.84 -10.65
C ALA A 117 22.62 -16.70 -11.54
N PRO A 118 21.50 -16.88 -12.25
CA PRO A 118 20.97 -15.79 -13.08
C PRO A 118 20.51 -14.62 -12.22
N SER A 119 20.68 -13.42 -12.76
CA SER A 119 20.32 -12.19 -12.05
C SER A 119 20.04 -11.11 -13.08
N ILE A 120 19.81 -9.88 -12.60
CA ILE A 120 19.71 -8.72 -13.47
C ILE A 120 21.06 -8.25 -13.96
N ASP A 121 22.15 -8.86 -13.48
CA ASP A 121 23.49 -8.61 -13.98
C ASP A 121 24.07 -9.83 -14.68
N GLY A 122 23.24 -10.83 -14.98
CA GLY A 122 23.72 -12.06 -15.55
C GLY A 122 24.11 -13.07 -14.49
N THR A 123 24.94 -14.02 -14.90
CA THR A 123 25.47 -15.00 -13.96
C THR A 123 26.34 -14.29 -12.93
N GLN A 124 25.93 -14.34 -11.66
CA GLN A 124 26.61 -13.59 -10.61
C GLN A 124 26.60 -14.37 -9.31
N THR A 125 27.32 -13.82 -8.33
CA THR A 125 27.32 -14.28 -6.95
C THR A 125 26.74 -13.17 -6.09
N PHE A 126 25.59 -13.43 -5.47
CA PHE A 126 24.88 -12.36 -4.79
C PHE A 126 24.15 -12.91 -3.58
N ALA A 127 23.79 -12.01 -2.67
CA ALA A 127 23.08 -12.35 -1.45
C ALA A 127 21.57 -12.26 -1.66
N GLN A 128 20.84 -13.17 -1.02
CA GLN A 128 19.38 -13.13 -0.99
C GLN A 128 18.92 -12.73 0.40
N TYR A 129 18.04 -11.74 0.46
CA TYR A 129 17.40 -11.32 1.70
C TYR A 129 16.01 -11.93 1.77
N TRP A 130 15.71 -12.61 2.88
CA TRP A 130 14.42 -13.27 3.06
C TRP A 130 13.73 -12.75 4.32
N SER A 131 12.45 -12.44 4.19
CA SER A 131 11.52 -12.39 5.31
C SER A 131 10.42 -13.39 5.03
N VAL A 132 10.38 -14.46 5.81
CA VAL A 132 9.47 -15.57 5.58
C VAL A 132 8.52 -15.67 6.76
N ARG A 133 7.21 -15.58 6.47
CA ARG A 133 6.20 -15.61 7.52
C ARG A 133 6.24 -16.95 8.24
N GLN A 134 6.12 -16.89 9.57
CA GLN A 134 6.18 -18.11 10.38
C GLN A 134 4.97 -19.00 10.15
N SER A 135 3.82 -18.40 9.85
CA SER A 135 2.62 -19.13 9.47
C SER A 135 2.17 -18.65 8.10
N LYS A 136 1.47 -19.51 7.37
CA LYS A 136 0.93 -19.11 6.08
C LYS A 136 -0.14 -18.04 6.27
N ARG A 137 -0.05 -17.00 5.45
CA ARG A 137 -1.04 -15.93 5.49
C ARG A 137 -2.29 -16.34 4.73
N ALA A 138 -3.45 -16.00 5.28
CA ALA A 138 -4.70 -16.29 4.61
C ALA A 138 -4.85 -15.42 3.36
N THR A 139 -5.35 -16.01 2.29
CA THR A 139 -5.55 -15.30 1.04
C THR A 139 -7.04 -15.05 0.83
N GLY A 140 -7.39 -14.53 -0.35
CA GLY A 140 -8.75 -14.17 -0.63
C GLY A 140 -9.24 -12.88 0.00
N VAL A 141 -8.38 -12.17 0.72
CA VAL A 141 -8.71 -10.89 1.32
C VAL A 141 -7.65 -9.87 0.92
N ASN A 142 -7.97 -8.60 1.16
CA ASN A 142 -7.01 -7.53 0.89
C ASN A 142 -5.89 -7.57 1.92
N SER A 143 -4.67 -7.79 1.45
CA SER A 143 -3.49 -7.85 2.32
C SER A 143 -2.49 -6.80 1.89
N ALA A 144 -1.78 -6.26 2.87
CA ALA A 144 -0.73 -5.26 2.64
C ALA A 144 0.59 -5.75 3.21
N ILE A 145 1.67 -5.47 2.50
CA ILE A 145 3.03 -5.70 2.99
C ILE A 145 3.68 -4.34 3.16
N THR A 146 3.82 -3.89 4.40
CA THR A 146 4.45 -2.61 4.70
C THR A 146 5.96 -2.82 4.60
N PHE A 147 6.48 -2.66 3.38
CA PHE A 147 7.85 -3.09 3.09
C PHE A 147 8.89 -2.30 3.87
N SER A 148 8.57 -1.07 4.26
CA SER A 148 9.52 -0.26 5.03
C SER A 148 9.83 -0.89 6.38
N ASN A 149 8.89 -1.68 6.92
CA ASN A 149 9.15 -2.41 8.15
C ASN A 149 10.23 -3.47 7.93
N HIS A 150 10.12 -4.23 6.84
CA HIS A 150 11.10 -5.28 6.56
C HIS A 150 12.47 -4.69 6.25
N VAL A 151 12.50 -3.61 5.48
CA VAL A 151 13.77 -2.97 5.13
C VAL A 151 14.51 -2.52 6.39
N ASN A 152 13.78 -1.89 7.32
CA ASN A 152 14.39 -1.48 8.59
C ASN A 152 14.84 -2.69 9.40
N ALA A 153 14.03 -3.74 9.43
CA ALA A 153 14.39 -4.95 10.15
C ALA A 153 15.65 -5.58 9.57
N TRP A 154 15.71 -5.72 8.25
CA TRP A 154 16.91 -6.22 7.60
C TRP A 154 18.11 -5.34 7.92
N ALA A 155 17.91 -4.01 7.86
CA ALA A 155 19.01 -3.08 8.12
C ALA A 155 19.52 -3.22 9.55
N SER A 156 18.62 -3.42 10.51
CA SER A 156 19.03 -3.61 11.90
C SER A 156 19.81 -4.90 12.10
N LYS A 157 19.83 -5.81 11.12
CA LYS A 157 20.59 -7.05 11.18
C LYS A 157 21.80 -7.02 10.26
N GLY A 158 22.22 -5.84 9.83
CA GLY A 158 23.34 -5.75 8.91
C GLY A 158 23.01 -6.13 7.48
N MET A 159 21.73 -6.20 7.13
CA MET A 159 21.30 -6.51 5.76
C MET A 159 20.86 -5.20 5.10
N ASN A 160 21.71 -4.68 4.22
CA ASN A 160 21.51 -3.37 3.60
C ASN A 160 21.25 -3.56 2.12
N LEU A 161 20.06 -3.16 1.68
CA LEU A 161 19.73 -3.20 0.26
C LEU A 161 20.57 -2.18 -0.51
N GLY A 162 20.71 -2.41 -1.81
CA GLY A 162 21.49 -1.54 -2.66
C GLY A 162 20.86 -0.17 -2.82
N SER A 163 21.59 0.68 -3.55
CA SER A 163 21.14 2.05 -3.78
C SER A 163 20.35 2.22 -5.06
N SER A 164 20.54 1.33 -6.04
CA SER A 164 19.76 1.36 -7.28
C SER A 164 18.68 0.30 -7.20
N TRP A 165 17.45 0.69 -7.55
CA TRP A 165 16.27 -0.15 -7.35
C TRP A 165 15.71 -0.59 -8.70
N SER A 166 15.77 -1.89 -8.96
CA SER A 166 15.09 -2.48 -10.07
C SER A 166 13.70 -2.92 -9.61
N TYR A 167 13.09 -3.87 -10.29
CA TYR A 167 11.67 -4.10 -10.09
C TYR A 167 11.36 -4.70 -8.74
N GLN A 168 10.08 -4.76 -8.42
CA GLN A 168 9.59 -5.13 -7.11
C GLN A 168 8.14 -5.55 -7.26
N VAL A 169 7.87 -6.86 -7.20
CA VAL A 169 6.58 -7.41 -7.60
C VAL A 169 6.02 -8.29 -6.49
N LEU A 170 4.69 -8.47 -6.53
CA LEU A 170 4.01 -9.49 -5.75
C LEU A 170 3.91 -10.70 -6.67
N ALA A 171 4.79 -11.68 -6.46
CA ALA A 171 5.05 -12.71 -7.44
C ALA A 171 4.52 -14.07 -7.00
N THR A 172 4.35 -14.93 -7.99
CA THR A 172 4.10 -16.36 -7.79
C THR A 172 5.32 -17.10 -8.33
N GLU A 173 6.08 -17.74 -7.44
CA GLU A 173 7.21 -18.56 -7.83
C GLU A 173 6.90 -20.02 -7.52
N GLY A 174 7.24 -20.90 -8.46
CA GLY A 174 7.07 -22.32 -8.26
C GLY A 174 8.28 -23.07 -8.78
N TYR A 175 8.43 -24.30 -8.30
CA TYR A 175 9.53 -25.16 -8.71
C TYR A 175 9.13 -26.61 -8.53
N GLN A 176 9.20 -27.39 -9.62
CA GLN A 176 8.90 -28.82 -9.62
C GLN A 176 7.54 -29.09 -8.99
N SER A 177 6.51 -28.43 -9.52
CA SER A 177 5.16 -28.56 -8.98
C SER A 177 4.15 -28.20 -10.06
N SER A 178 2.88 -28.34 -9.72
CA SER A 178 1.79 -27.81 -10.52
C SER A 178 0.90 -26.97 -9.61
N GLY A 179 0.01 -26.19 -10.22
CA GLY A 179 -0.90 -25.38 -9.46
C GLY A 179 -1.42 -24.20 -10.25
N SER A 180 -2.15 -23.33 -9.54
CA SER A 180 -2.75 -22.14 -10.12
C SER A 180 -2.75 -21.04 -9.07
N SER A 181 -2.86 -19.80 -9.55
CA SER A 181 -3.01 -18.67 -8.63
C SER A 181 -3.66 -17.52 -9.39
N ASN A 182 -4.32 -16.64 -8.63
CA ASN A 182 -4.95 -15.44 -9.19
C ASN A 182 -4.77 -14.31 -8.19
N VAL A 183 -4.00 -13.30 -8.56
CA VAL A 183 -3.61 -12.24 -7.64
C VAL A 183 -3.87 -10.89 -8.30
N THR A 184 -4.33 -9.93 -7.50
CA THR A 184 -4.46 -8.54 -7.92
C THR A 184 -3.58 -7.68 -7.03
N VAL A 185 -2.70 -6.89 -7.64
CA VAL A 185 -1.70 -6.10 -6.92
C VAL A 185 -1.94 -4.62 -7.20
N TRP A 186 -1.76 -3.79 -6.18
CA TRP A 186 -1.83 -2.34 -6.36
C TRP A 186 -1.06 -1.61 -5.26
N HIS B 1 -9.10 -4.99 22.77
CA HIS B 1 -10.50 -4.86 22.37
C HIS B 1 -10.68 -3.72 21.38
N HIS B 2 -9.62 -3.41 20.64
CA HIS B 2 -9.66 -2.29 19.72
C HIS B 2 -8.84 -2.61 18.47
N HIS B 3 -9.46 -2.45 17.31
CA HIS B 3 -8.77 -2.59 16.03
C HIS B 3 -8.00 -1.29 15.78
N ALA B 4 -6.73 -1.28 16.15
CA ALA B 4 -5.90 -0.09 15.97
C ALA B 4 -5.49 0.05 14.52
N THR B 5 -4.72 1.09 14.23
CA THR B 5 -4.23 1.33 12.88
C THR B 5 -3.34 0.18 12.43
N ASP B 6 -3.49 -0.21 11.16
CA ASP B 6 -2.65 -1.24 10.58
C ASP B 6 -2.17 -0.88 9.18
N TYR B 7 -2.32 0.37 8.74
CA TYR B 7 -1.88 0.79 7.42
C TYR B 7 -1.05 2.06 7.54
N TRP B 8 -0.04 2.16 6.67
CA TRP B 8 0.92 3.27 6.70
C TRP B 8 1.07 3.79 5.28
N GLN B 9 0.46 4.94 4.98
CA GLN B 9 0.47 5.55 3.66
C GLN B 9 1.57 6.59 3.58
N ASN B 10 2.43 6.46 2.57
CA ASN B 10 3.57 7.36 2.39
C ASN B 10 3.86 7.44 0.89
N TRP B 11 3.27 8.44 0.24
CA TRP B 11 3.42 8.62 -1.20
C TRP B 11 3.80 10.07 -1.50
N THR B 12 4.86 10.23 -2.29
CA THR B 12 5.24 11.51 -2.86
C THR B 12 5.49 11.33 -4.35
N ASP B 13 5.12 12.34 -5.14
CA ASP B 13 5.38 12.27 -6.57
C ASP B 13 6.83 12.62 -6.91
N GLY B 14 7.53 13.32 -6.02
CA GLY B 14 8.94 13.61 -6.21
C GLY B 14 9.30 15.06 -5.96
N GLY B 15 8.30 15.94 -6.02
CA GLY B 15 8.58 17.36 -5.88
C GLY B 15 8.92 17.73 -4.45
N GLY B 16 9.99 18.52 -4.30
CA GLY B 16 10.39 19.03 -3.00
C GLY B 16 10.91 17.93 -2.10
N THR B 17 10.77 18.16 -0.79
CA THR B 17 11.20 17.21 0.23
C THR B 17 10.00 16.81 1.08
N VAL B 18 9.84 15.51 1.28
CA VAL B 18 8.79 14.97 2.13
C VAL B 18 9.43 13.99 3.10
N ASN B 19 9.44 14.34 4.38
CA ASN B 19 10.04 13.52 5.44
C ASN B 19 8.92 12.98 6.30
N ALA B 20 8.48 11.76 6.02
CA ALA B 20 7.44 11.10 6.79
C ALA B 20 8.07 10.12 7.77
N VAL B 21 7.59 10.13 9.01
CA VAL B 21 8.11 9.28 10.08
C VAL B 21 6.99 8.37 10.57
N ASN B 22 7.27 7.07 10.60
CA ASN B 22 6.33 6.06 11.08
C ASN B 22 6.53 5.89 12.58
N GLY B 23 5.81 6.69 13.36
CA GLY B 23 5.97 6.69 14.80
C GLY B 23 5.27 5.54 15.48
N SER B 24 5.48 5.44 16.79
CA SER B 24 4.90 4.35 17.58
C SER B 24 3.38 4.48 17.63
N GLY B 25 2.71 3.35 17.86
CA GLY B 25 1.27 3.34 17.91
C GLY B 25 0.67 3.76 16.58
N GLY B 26 -0.27 4.71 16.63
CA GLY B 26 -0.87 5.24 15.43
C GLY B 26 -0.40 6.65 15.15
N ASN B 27 0.81 6.98 15.63
CA ASN B 27 1.37 8.31 15.48
C ASN B 27 2.27 8.38 14.25
N TYR B 28 2.20 9.50 13.54
CA TYR B 28 3.11 9.78 12.45
C TYR B 28 3.36 11.29 12.39
N SER B 29 4.52 11.66 11.87
CA SER B 29 4.87 13.05 11.63
C SER B 29 5.36 13.19 10.20
N VAL B 30 5.18 14.39 9.64
CA VAL B 30 5.68 14.68 8.30
C VAL B 30 6.02 16.16 8.23
N THR B 31 7.22 16.46 7.75
CA THR B 31 7.65 17.82 7.47
C THR B 31 7.98 17.92 5.98
N TRP B 32 7.49 18.96 5.32
CA TRP B 32 7.65 19.07 3.89
C TRP B 32 7.99 20.51 3.52
N GLN B 33 8.71 20.66 2.40
CA GLN B 33 9.19 21.97 1.95
C GLN B 33 9.12 22.04 0.43
N ASN B 34 8.39 23.03 -0.08
CA ASN B 34 8.34 23.37 -1.50
C ASN B 34 8.11 22.12 -2.36
N THR B 35 6.98 21.46 -2.09
CA THR B 35 6.73 20.12 -2.59
C THR B 35 5.83 20.14 -3.82
N GLY B 36 5.73 18.98 -4.46
CA GLY B 36 4.66 18.71 -5.39
C GLY B 36 3.45 18.23 -4.61
N ASN B 37 2.87 17.10 -5.03
CA ASN B 37 1.73 16.53 -4.32
C ASN B 37 2.18 15.29 -3.55
N PHE B 38 1.75 15.20 -2.29
CA PHE B 38 2.11 14.09 -1.42
C PHE B 38 0.94 13.77 -0.51
N VAL B 39 0.89 12.51 -0.07
CA VAL B 39 -0.15 12.06 0.87
C VAL B 39 0.52 11.16 1.90
N VAL B 40 0.46 11.55 3.18
CA VAL B 40 1.02 10.78 4.27
C VAL B 40 -0.03 10.65 5.36
N GLY B 41 -0.20 9.45 5.90
CA GLY B 41 -1.15 9.24 6.98
C GLY B 41 -1.12 7.80 7.45
N LYS B 42 -1.88 7.54 8.50
CA LYS B 42 -2.04 6.21 9.05
C LYS B 42 -3.52 5.84 9.10
N GLY B 43 -3.81 4.55 9.03
CA GLY B 43 -5.18 4.10 9.04
C GLY B 43 -5.35 2.60 8.94
N TRP B 44 -6.35 2.16 8.19
CA TRP B 44 -6.75 0.76 8.15
C TRP B 44 -6.60 0.21 6.73
N ASN B 45 -6.06 -1.00 6.63
CA ASN B 45 -5.80 -1.61 5.33
C ASN B 45 -7.09 -1.86 4.56
N VAL B 46 -8.15 -2.23 5.26
CA VAL B 46 -9.48 -2.38 4.66
C VAL B 46 -10.39 -1.34 5.29
N GLY B 47 -10.90 -0.43 4.47
CA GLY B 47 -11.78 0.60 4.97
C GLY B 47 -13.15 0.06 5.33
N SER B 48 -13.81 0.75 6.27
CA SER B 48 -15.14 0.37 6.71
C SER B 48 -16.05 1.59 6.70
N PRO B 49 -17.30 1.43 6.24
CA PRO B 49 -18.26 2.54 6.32
C PRO B 49 -18.83 2.76 7.72
N ASN B 50 -18.55 1.87 8.67
CA ASN B 50 -19.04 1.99 10.04
C ASN B 50 -17.91 2.24 11.03
N ARG B 51 -16.71 2.51 10.55
CA ARG B 51 -15.58 2.77 11.44
C ARG B 51 -15.62 4.21 11.95
N THR B 52 -15.19 4.39 13.18
CA THR B 52 -14.96 5.72 13.76
C THR B 52 -13.46 5.96 13.77
N ILE B 53 -13.03 6.94 12.98
CA ILE B 53 -11.60 7.30 12.90
C ILE B 53 -11.35 8.40 13.90
N ASN B 54 -10.62 8.09 14.97
CA ASN B 54 -10.20 9.08 15.94
C ASN B 54 -8.81 9.60 15.58
N TYR B 55 -8.56 10.87 15.91
CA TYR B 55 -7.25 11.44 15.67
C TYR B 55 -7.04 12.62 16.62
N ASN B 56 -5.77 12.82 16.97
CA ASN B 56 -5.33 14.00 17.72
C ASN B 56 -4.13 14.57 16.98
N ALA B 57 -4.35 15.64 16.22
CA ALA B 57 -3.29 16.32 15.49
C ALA B 57 -2.65 17.32 16.44
N GLY B 58 -1.59 16.90 17.11
CA GLY B 58 -0.84 17.81 17.96
C GLY B 58 -0.26 18.98 17.20
N VAL B 59 0.07 18.76 15.92
CA VAL B 59 0.58 19.82 15.05
C VAL B 59 -0.06 19.67 13.68
N PHE B 60 -0.60 20.77 13.16
CA PHE B 60 -1.05 20.84 11.76
C PHE B 60 -0.77 22.27 11.30
N ALA B 61 0.41 22.48 10.70
CA ALA B 61 0.89 23.80 10.31
C ALA B 61 1.18 23.83 8.81
N PRO B 62 0.15 23.97 7.98
CA PRO B 62 0.38 24.10 6.54
C PRO B 62 0.68 25.53 6.16
N SER B 63 1.72 25.71 5.36
CA SER B 63 2.03 26.99 4.72
C SER B 63 1.66 26.82 3.25
N GLY B 64 0.38 26.99 2.94
CA GLY B 64 -0.12 26.69 1.61
C GLY B 64 -1.11 25.54 1.62
N ASN B 65 -1.08 24.68 0.61
CA ASN B 65 -2.03 23.56 0.53
C ASN B 65 -1.64 22.51 1.55
N GLY B 66 -2.43 22.41 2.60
CA GLY B 66 -2.40 21.26 3.48
C GLY B 66 -3.84 20.84 3.74
N TYR B 67 -4.09 19.55 3.58
CA TYR B 67 -5.35 18.97 4.00
C TYR B 67 -5.10 18.12 5.23
N LEU B 68 -5.90 18.32 6.27
CA LEU B 68 -6.04 17.36 7.35
C LEU B 68 -7.36 16.67 7.10
N THR B 69 -7.30 15.49 6.48
CA THR B 69 -8.49 14.88 5.91
C THR B 69 -8.44 13.37 6.06
N LEU B 70 -9.63 12.77 6.14
CA LEU B 70 -9.78 11.34 5.96
C LEU B 70 -9.65 11.00 4.47
N TYR B 71 -9.00 9.88 4.18
CA TYR B 71 -8.68 9.54 2.80
C TYR B 71 -8.79 8.02 2.62
N GLY B 72 -9.57 7.59 1.63
CA GLY B 72 -9.77 6.18 1.41
C GLY B 72 -10.20 5.89 -0.01
N TRP B 73 -10.33 4.59 -0.31
CA TRP B 73 -10.70 4.12 -1.64
C TRP B 73 -11.78 3.05 -1.51
N THR B 74 -12.52 2.86 -2.61
CA THR B 74 -13.39 1.71 -2.79
C THR B 74 -13.26 1.22 -4.23
N ARG B 75 -13.54 -0.06 -4.42
CA ARG B 75 -13.66 -0.64 -5.74
C ARG B 75 -15.10 -1.09 -5.96
N ASN B 76 -15.48 -1.17 -7.23
CA ASN B 76 -16.83 -1.60 -7.65
C ASN B 76 -17.91 -0.80 -6.92
N ALA B 77 -17.98 0.50 -7.21
CA ALA B 77 -17.16 1.16 -8.23
C ALA B 77 -15.95 1.85 -7.61
N LEU B 78 -15.07 2.37 -8.47
CA LEU B 78 -13.85 3.03 -8.02
C LEU B 78 -14.17 4.45 -7.57
N ILE B 79 -13.93 4.74 -6.30
CA ILE B 79 -14.19 6.05 -5.71
C ILE B 79 -13.02 6.42 -4.82
N GLU B 80 -12.65 7.71 -4.83
CA GLU B 80 -11.65 8.26 -3.93
C GLU B 80 -12.36 9.31 -3.07
N TYR B 81 -12.52 9.04 -1.79
CA TYR B 81 -13.33 9.87 -0.92
C TYR B 81 -12.49 10.64 0.08
N TYR B 82 -13.05 11.75 0.55
CA TYR B 82 -12.38 12.68 1.47
C TYR B 82 -13.35 13.12 2.55
N VAL B 83 -12.83 13.32 3.76
CA VAL B 83 -13.54 14.04 4.82
C VAL B 83 -12.53 15.05 5.35
N VAL B 84 -12.62 16.29 4.88
CA VAL B 84 -11.64 17.31 5.21
C VAL B 84 -12.10 18.06 6.46
N ASP B 85 -11.30 18.01 7.52
CA ASP B 85 -11.58 18.74 8.74
C ASP B 85 -10.87 20.09 8.81
N SER B 86 -9.65 20.17 8.29
CA SER B 86 -8.92 21.44 8.30
C SER B 86 -8.10 21.53 7.02
N TRP B 87 -7.87 22.77 6.58
CA TRP B 87 -7.05 22.99 5.40
C TRP B 87 -6.05 24.11 5.63
N GLY B 88 -5.45 24.60 4.55
CA GLY B 88 -4.49 25.68 4.66
C GLY B 88 -5.00 26.96 4.04
N THR B 89 -4.48 27.30 2.86
CA THR B 89 -4.90 28.49 2.14
C THR B 89 -5.90 28.21 1.03
N TYR B 90 -6.23 26.94 0.78
CA TYR B 90 -7.22 26.56 -0.23
C TYR B 90 -8.22 25.60 0.39
N ARG B 91 -9.50 25.97 0.32
CA ARG B 91 -10.57 25.07 0.71
C ARG B 91 -11.00 24.25 -0.50
N PRO B 92 -10.82 22.92 -0.49
CA PRO B 92 -11.22 22.12 -1.64
C PRO B 92 -12.74 22.11 -1.80
N THR B 93 -13.20 22.48 -3.00
CA THR B 93 -14.62 22.49 -3.31
C THR B 93 -14.84 21.81 -4.65
N GLY B 94 -16.11 21.60 -4.98
CA GLY B 94 -16.51 20.98 -6.23
C GLY B 94 -17.96 21.22 -6.54
N THR B 95 -18.65 20.22 -7.09
CA THR B 95 -20.08 20.33 -7.36
C THR B 95 -20.83 20.18 -6.05
N PHE B 96 -21.41 21.29 -5.56
CA PHE B 96 -22.13 21.25 -4.29
C PHE B 96 -23.32 20.30 -4.39
N LYS B 97 -23.47 19.47 -3.35
CA LYS B 97 -24.53 18.46 -3.31
C LYS B 97 -25.41 18.54 -2.08
N GLY B 98 -25.01 19.23 -1.03
CA GLY B 98 -25.77 19.30 0.20
C GLY B 98 -24.85 19.41 1.39
N THR B 99 -25.45 19.34 2.57
CA THR B 99 -24.71 19.43 3.82
C THR B 99 -25.00 18.21 4.69
N VAL B 100 -24.05 17.91 5.58
CA VAL B 100 -24.20 16.86 6.58
C VAL B 100 -23.55 17.33 7.87
N THR B 101 -24.26 17.17 8.99
CA THR B 101 -23.72 17.48 10.31
C THR B 101 -23.20 16.21 10.96
N SER B 102 -22.01 16.29 11.54
CA SER B 102 -21.38 15.14 12.16
C SER B 102 -20.22 15.60 13.03
N ASP B 103 -20.11 15.02 14.22
CA ASP B 103 -18.97 15.24 15.12
C ASP B 103 -18.81 16.72 15.46
N GLY B 104 -19.93 17.38 15.76
CA GLY B 104 -19.92 18.78 16.15
C GLY B 104 -19.73 19.77 15.04
N GLY B 105 -19.46 19.32 13.81
CA GLY B 105 -19.25 20.23 12.71
C GLY B 105 -20.21 19.99 11.56
N THR B 106 -20.34 20.98 10.68
CA THR B 106 -21.16 20.88 9.49
C THR B 106 -20.26 20.89 8.26
N TYR B 107 -20.52 19.97 7.33
CA TYR B 107 -19.70 19.77 6.16
C TYR B 107 -20.52 20.01 4.90
N ASP B 108 -19.89 20.63 3.90
CA ASP B 108 -20.46 20.72 2.57
C ASP B 108 -20.05 19.49 1.77
N ILE B 109 -20.96 18.99 0.94
CA ILE B 109 -20.75 17.75 0.20
C ILE B 109 -20.55 18.09 -1.27
N TYR B 110 -19.42 17.61 -1.82
CA TYR B 110 -19.05 17.90 -3.20
C TYR B 110 -18.78 16.61 -3.97
N THR B 111 -18.93 16.69 -5.28
CA THR B 111 -18.46 15.68 -6.21
C THR B 111 -17.52 16.35 -7.21
N THR B 112 -16.44 15.65 -7.56
CA THR B 112 -15.56 16.05 -8.65
C THR B 112 -15.27 14.82 -9.50
N MET B 113 -14.46 15.02 -10.55
CA MET B 113 -14.03 13.96 -11.42
C MET B 113 -12.52 14.08 -11.64
N ARG B 114 -11.88 12.92 -11.85
CA ARG B 114 -10.48 12.86 -12.25
C ARG B 114 -10.41 12.01 -13.51
N TYR B 115 -9.73 12.50 -14.52
CA TYR B 115 -9.73 11.91 -15.86
C TYR B 115 -8.35 11.36 -16.16
N ASN B 116 -8.28 10.05 -16.44
CA ASN B 116 -7.03 9.39 -16.80
C ASN B 116 -5.91 9.73 -15.82
N ALA B 117 -6.27 9.75 -14.53
CA ALA B 117 -5.54 10.09 -13.33
C ALA B 117 -5.09 8.82 -12.59
N PRO B 118 -3.99 8.90 -11.84
CA PRO B 118 -3.51 7.71 -11.13
C PRO B 118 -4.46 7.30 -10.02
N SER B 119 -4.73 5.99 -9.94
CA SER B 119 -5.62 5.45 -8.94
C SER B 119 -5.08 4.08 -8.51
N ILE B 120 -5.82 3.39 -7.65
CA ILE B 120 -5.44 2.03 -7.25
C ILE B 120 -5.74 1.02 -8.34
N ASP B 121 -6.45 1.42 -9.39
CA ASP B 121 -6.63 0.61 -10.58
C ASP B 121 -5.81 1.13 -11.76
N GLY B 122 -4.80 1.95 -11.48
CA GLY B 122 -4.01 2.57 -12.52
C GLY B 122 -4.58 3.90 -12.96
N THR B 123 -4.10 4.37 -14.11
CA THR B 123 -4.62 5.59 -14.70
C THR B 123 -6.07 5.36 -15.15
N GLN B 124 -6.99 6.04 -14.49
CA GLN B 124 -8.41 5.79 -14.71
C GLN B 124 -9.19 7.09 -14.63
N THR B 125 -10.45 7.02 -15.06
CA THR B 125 -11.41 8.11 -14.92
C THR B 125 -12.42 7.73 -13.85
N PHE B 126 -12.44 8.48 -12.75
CA PHE B 126 -13.23 8.09 -11.60
C PHE B 126 -13.68 9.33 -10.84
N ALA B 127 -14.70 9.15 -10.01
CA ALA B 127 -15.28 10.24 -9.24
C ALA B 127 -14.61 10.38 -7.88
N GLN B 128 -14.80 11.53 -7.26
CA GLN B 128 -14.31 11.82 -5.92
C GLN B 128 -15.46 12.29 -5.05
N TYR B 129 -15.56 11.73 -3.86
CA TYR B 129 -16.57 12.15 -2.88
C TYR B 129 -15.90 13.01 -1.82
N TRP B 130 -16.51 14.13 -1.49
CA TRP B 130 -15.92 15.08 -0.54
C TRP B 130 -16.91 15.41 0.56
N SER B 131 -16.38 15.51 1.78
CA SER B 131 -17.06 16.15 2.90
C SER B 131 -16.08 17.16 3.47
N VAL B 132 -16.15 18.39 2.99
CA VAL B 132 -15.26 19.46 3.44
C VAL B 132 -16.00 20.27 4.50
N ARG B 133 -15.40 20.38 5.67
CA ARG B 133 -16.00 21.13 6.76
C ARG B 133 -16.24 22.58 6.33
N GLN B 134 -17.29 23.19 6.87
CA GLN B 134 -17.59 24.58 6.52
C GLN B 134 -16.53 25.51 7.08
N SER B 135 -16.02 25.22 8.27
CA SER B 135 -14.91 25.95 8.87
C SER B 135 -13.87 24.95 9.37
N LYS B 136 -12.68 25.46 9.66
CA LYS B 136 -11.58 24.59 10.06
C LYS B 136 -11.82 24.02 11.46
N ARG B 137 -11.73 22.70 11.57
CA ARG B 137 -11.84 22.05 12.87
C ARG B 137 -10.57 22.30 13.68
N ALA B 138 -10.74 22.53 14.98
CA ALA B 138 -9.60 22.78 15.84
C ALA B 138 -8.80 21.50 16.07
N THR B 139 -7.48 21.64 16.11
CA THR B 139 -6.58 20.52 16.31
C THR B 139 -6.05 20.53 17.73
N GLY B 140 -5.13 19.61 18.03
CA GLY B 140 -4.59 19.48 19.36
C GLY B 140 -5.51 18.82 20.36
N VAL B 141 -6.62 18.25 19.91
CA VAL B 141 -7.59 17.59 20.78
C VAL B 141 -8.04 16.30 20.12
N ASN B 142 -8.52 15.36 20.96
CA ASN B 142 -9.06 14.11 20.46
C ASN B 142 -10.30 14.37 19.61
N SER B 143 -10.17 14.27 18.29
CA SER B 143 -11.28 14.43 17.39
C SER B 143 -11.67 13.08 16.80
N ALA B 144 -12.91 13.00 16.31
CA ALA B 144 -13.42 11.78 15.69
C ALA B 144 -14.17 12.14 14.43
N ILE B 145 -14.08 11.24 13.45
CA ILE B 145 -14.86 11.33 12.23
C ILE B 145 -15.71 10.08 12.16
N THR B 146 -17.00 10.22 12.49
CA THR B 146 -17.95 9.11 12.44
C THR B 146 -18.33 8.90 10.98
N PHE B 147 -17.53 8.06 10.31
CA PHE B 147 -17.61 7.96 8.85
C PHE B 147 -18.98 7.50 8.38
N SER B 148 -19.74 6.81 9.23
CA SER B 148 -21.06 6.33 8.82
C SER B 148 -22.00 7.49 8.52
N ASN B 149 -21.87 8.60 9.25
CA ASN B 149 -22.70 9.76 8.98
C ASN B 149 -22.42 10.34 7.60
N HIS B 150 -21.17 10.22 7.12
CA HIS B 150 -20.85 10.72 5.79
C HIS B 150 -21.30 9.76 4.70
N VAL B 151 -21.18 8.45 4.94
CA VAL B 151 -21.66 7.48 3.95
C VAL B 151 -23.16 7.62 3.75
N ASN B 152 -23.91 7.74 4.85
CA ASN B 152 -25.36 7.87 4.75
C ASN B 152 -25.76 9.15 4.03
N ALA B 153 -25.12 10.27 4.38
CA ALA B 153 -25.44 11.53 3.72
C ALA B 153 -25.07 11.50 2.25
N TRP B 154 -23.89 10.94 1.93
CA TRP B 154 -23.48 10.83 0.54
C TRP B 154 -24.46 10.00 -0.27
N ALA B 155 -24.91 8.87 0.29
CA ALA B 155 -25.90 8.04 -0.41
C ALA B 155 -27.23 8.78 -0.57
N SER B 156 -27.56 9.68 0.36
CA SER B 156 -28.81 10.42 0.25
C SER B 156 -28.80 11.40 -0.91
N LYS B 157 -27.63 11.82 -1.38
CA LYS B 157 -27.50 12.66 -2.56
C LYS B 157 -27.04 11.88 -3.78
N GLY B 158 -27.35 10.57 -3.82
CA GLY B 158 -27.01 9.74 -4.95
C GLY B 158 -25.57 9.26 -5.02
N MET B 159 -24.74 9.61 -4.05
CA MET B 159 -23.31 9.25 -4.08
C MET B 159 -23.12 7.95 -3.30
N ASN B 160 -22.99 6.85 -4.01
CA ASN B 160 -22.86 5.53 -3.41
C ASN B 160 -21.44 5.03 -3.54
N LEU B 161 -20.87 4.57 -2.42
CA LEU B 161 -19.52 4.02 -2.44
C LEU B 161 -19.54 2.59 -2.96
N GLY B 162 -18.34 2.10 -3.30
CA GLY B 162 -18.21 0.78 -3.86
C GLY B 162 -18.45 -0.33 -2.87
N SER B 163 -18.39 -1.57 -3.39
CA SER B 163 -18.58 -2.76 -2.56
C SER B 163 -17.26 -3.31 -2.04
N SER B 164 -16.19 -3.24 -2.82
CA SER B 164 -14.87 -3.67 -2.39
C SER B 164 -14.11 -2.48 -1.80
N TRP B 165 -13.55 -2.66 -0.61
CA TRP B 165 -12.91 -1.59 0.12
C TRP B 165 -11.39 -1.77 0.15
N SER B 166 -10.69 -0.64 0.10
CA SER B 166 -9.24 -0.63 0.26
C SER B 166 -8.86 0.20 1.46
N TYR B 167 -7.68 0.82 1.44
CA TYR B 167 -7.17 1.45 2.65
C TYR B 167 -7.95 2.72 3.00
N GLN B 168 -7.84 3.11 4.27
CA GLN B 168 -8.65 4.20 4.84
C GLN B 168 -7.79 4.86 5.91
N VAL B 169 -7.38 6.10 5.67
CA VAL B 169 -6.37 6.76 6.49
C VAL B 169 -6.79 8.19 6.81
N LEU B 170 -6.34 8.66 7.97
CA LEU B 170 -6.42 10.07 8.32
C LEU B 170 -5.11 10.70 7.83
N ALA B 171 -5.16 11.37 6.70
CA ALA B 171 -3.97 11.73 5.96
C ALA B 171 -3.64 13.21 6.07
N THR B 172 -2.37 13.52 5.82
CA THR B 172 -1.90 14.87 5.57
C THR B 172 -1.51 14.96 4.10
N GLU B 173 -2.27 15.76 3.34
CA GLU B 173 -1.99 15.95 1.93
C GLU B 173 -1.56 17.39 1.68
N GLY B 174 -0.63 17.58 0.74
CA GLY B 174 -0.16 18.90 0.40
C GLY B 174 0.13 19.01 -1.08
N TYR B 175 0.19 20.26 -1.55
CA TYR B 175 0.55 20.53 -2.94
C TYR B 175 1.12 21.94 -3.04
N GLN B 176 2.34 22.05 -3.56
CA GLN B 176 3.03 23.32 -3.71
C GLN B 176 3.00 24.12 -2.40
N SER B 177 3.57 23.53 -1.36
CA SER B 177 3.49 24.15 -0.04
C SER B 177 4.58 23.58 0.85
N SER B 178 4.62 24.08 2.09
CA SER B 178 5.55 23.61 3.10
C SER B 178 4.82 23.56 4.45
N GLY B 179 5.45 22.94 5.41
CA GLY B 179 4.91 22.89 6.76
C GLY B 179 5.27 21.59 7.44
N SER B 180 4.50 21.28 8.49
CA SER B 180 4.67 20.05 9.24
C SER B 180 3.32 19.63 9.80
N SER B 181 3.24 18.36 10.23
CA SER B 181 2.06 17.84 10.90
C SER B 181 2.48 16.67 11.78
N ASN B 182 1.70 16.45 12.84
CA ASN B 182 1.97 15.38 13.81
C ASN B 182 0.64 14.88 14.32
N VAL B 183 0.25 13.67 13.92
CA VAL B 183 -1.09 13.15 14.18
C VAL B 183 -0.98 11.73 14.74
N THR B 184 -1.87 11.41 15.69
CA THR B 184 -2.05 10.06 16.18
C THR B 184 -3.44 9.58 15.77
N VAL B 185 -3.52 8.38 15.21
CA VAL B 185 -4.76 7.83 14.68
C VAL B 185 -5.10 6.54 15.43
N TRP B 186 -6.38 6.38 15.77
CA TRP B 186 -6.86 5.14 16.38
C TRP B 186 -8.36 4.95 16.15
C1 EDO C . 10.79 -16.77 -20.37
O1 EDO C . 9.55 -16.30 -19.85
C2 EDO C . 11.94 -16.21 -19.53
O2 EDO C . 13.17 -16.34 -20.25
C1 EDO D . -8.49 -12.28 -7.17
O1 EDO D . -7.66 -11.79 -8.24
C2 EDO D . -9.19 -11.12 -6.48
O2 EDO D . -8.24 -10.10 -6.12
C1 EDO E . -3.89 19.16 -7.06
O1 EDO E . -2.65 18.78 -7.65
C2 EDO E . -3.68 19.48 -5.59
O2 EDO E . -4.94 19.76 -4.96
#